data_2ACO
#
_entry.id   2ACO
#
_cell.length_a   57.901
_cell.length_b   81.337
_cell.length_c   89.020
_cell.angle_alpha   90.00
_cell.angle_beta   90.00
_cell.angle_gamma   90.00
#
_symmetry.space_group_name_H-M   'P 21 21 21'
#
loop_
_entity.id
_entity.type
_entity.pdbx_description
1 polymer 'Outer membrane lipoprotein blc'
2 non-polymer 'VACCENIC ACID'
3 water water
#
_entity_poly.entity_id   1
_entity_poly.type   'polypeptide(L)'
_entity_poly.pdbx_seq_one_letter_code
;HHHHHHLESTSLYKKAGSTPPRGVTVVNNFDAKRYLGTWYEIARFDHRFERGLEKVTATYSLRDDGGLNVINKGYNPDRG
MWQQSEGKAYFTGAPTRAALKVSFFGPFYGGYNVIALDREYRHALVCGPDRDYLWILSRTPTISDEVKQEMLAVATREGF
DVSKFIWVQQPGS
;
_entity_poly.pdbx_strand_id   A,B
#
# COMPACT_ATOMS: atom_id res chain seq x y z
N HIS A 6 -26.92 -0.69 20.55
CA HIS A 6 -25.88 0.35 20.79
C HIS A 6 -24.69 0.27 19.81
N LEU A 7 -24.24 -0.96 19.55
CA LEU A 7 -23.17 -1.18 18.58
C LEU A 7 -23.77 -1.77 17.30
N GLU A 8 -23.14 -1.45 16.18
CA GLU A 8 -23.50 -2.02 14.90
C GLU A 8 -23.38 -3.54 14.93
N SER A 9 -24.25 -4.20 14.17
CA SER A 9 -24.19 -5.64 14.01
C SER A 9 -22.91 -6.04 13.29
N THR A 10 -22.34 -7.15 13.72
CA THR A 10 -21.20 -7.74 13.06
C THR A 10 -21.48 -9.22 12.88
N SER A 11 -20.70 -9.85 12.00
CA SER A 11 -20.69 -11.29 11.88
C SER A 11 -19.32 -11.78 11.47
N LEU A 12 -19.03 -13.04 11.79
CA LEU A 12 -17.75 -13.65 11.47
C LEU A 12 -17.41 -13.59 9.98
N TYR A 13 -16.21 -13.08 9.69
CA TYR A 13 -15.81 -12.78 8.34
C TYR A 13 -14.36 -13.16 8.11
N LYS A 14 -14.11 -13.80 6.98
CA LYS A 14 -12.79 -14.25 6.60
C LYS A 14 -12.56 -13.92 5.13
N LYS A 15 -11.39 -13.34 4.84
CA LYS A 15 -10.87 -13.32 3.48
C LYS A 15 -9.37 -13.54 3.53
N ALA A 16 -8.91 -14.61 2.88
CA ALA A 16 -7.49 -14.96 2.84
C ALA A 16 -6.60 -13.77 2.56
N GLY A 17 -5.65 -13.56 3.47
CA GLY A 17 -4.63 -12.54 3.32
C GLY A 17 -5.02 -11.17 3.84
N SER A 18 -6.31 -10.99 4.13
CA SER A 18 -6.84 -9.70 4.56
C SER A 18 -7.37 -9.68 5.99
N THR A 19 -7.71 -10.86 6.53
CA THR A 19 -8.24 -10.99 7.90
C THR A 19 -7.38 -11.90 8.78
N PRO A 20 -7.38 -11.65 10.09
CA PRO A 20 -6.61 -12.47 11.02
C PRO A 20 -7.04 -13.94 11.00
N PRO A 21 -6.15 -14.83 11.43
CA PRO A 21 -6.48 -16.25 11.54
C PRO A 21 -7.81 -16.48 12.25
N ARG A 22 -8.61 -17.40 11.73
CA ARG A 22 -9.93 -17.79 12.28
C ARG A 22 -11.08 -16.79 12.00
N GLY A 23 -10.74 -15.66 11.37
CA GLY A 23 -11.72 -14.64 11.11
C GLY A 23 -11.95 -13.75 12.30
N VAL A 24 -12.63 -12.64 12.01
CA VAL A 24 -13.01 -11.70 13.04
C VAL A 24 -14.43 -11.22 12.73
N THR A 25 -15.11 -10.72 13.75
CA THR A 25 -16.48 -10.22 13.61
C THR A 25 -16.46 -8.83 12.96
N VAL A 26 -16.85 -8.75 11.70
CA VAL A 26 -16.79 -7.48 10.96
C VAL A 26 -18.18 -6.90 10.74
N VAL A 27 -18.27 -5.59 10.89
CA VAL A 27 -19.50 -4.82 10.70
C VAL A 27 -20.11 -5.18 9.36
N ASN A 28 -21.40 -5.52 9.37
CA ASN A 28 -22.04 -6.09 8.17
C ASN A 28 -23.21 -5.28 7.61
N ASN A 29 -23.49 -4.12 8.21
CA ASN A 29 -24.45 -3.14 7.69
C ASN A 29 -23.85 -1.73 7.71
N PHE A 30 -22.61 -1.65 7.26
CA PHE A 30 -21.83 -0.43 7.17
C PHE A 30 -22.46 0.54 6.19
N ASP A 31 -22.32 1.82 6.53
CA ASP A 31 -22.78 2.94 5.71
C ASP A 31 -21.59 3.85 5.58
N ALA A 32 -20.83 3.70 4.51
CA ALA A 32 -19.55 4.35 4.38
C ALA A 32 -19.65 5.88 4.49
N LYS A 33 -20.75 6.47 4.07
CA LYS A 33 -20.86 7.94 4.14
C LYS A 33 -20.72 8.46 5.56
N ARG A 34 -21.19 7.69 6.55
CA ARG A 34 -21.09 8.12 7.95
C ARG A 34 -19.72 7.94 8.58
N TYR A 35 -18.85 7.21 7.89
CA TYR A 35 -17.46 7.02 8.28
C TYR A 35 -16.51 8.09 7.75
N LEU A 36 -17.00 8.99 6.89
CA LEU A 36 -16.17 10.04 6.32
C LEU A 36 -15.76 11.07 7.36
N GLY A 37 -14.68 11.79 7.06
CA GLY A 37 -14.18 12.84 7.93
C GLY A 37 -13.05 12.36 8.81
N THR A 38 -12.89 13.02 9.94
CA THR A 38 -11.72 12.90 10.79
C THR A 38 -11.96 12.00 11.99
N TRP A 39 -10.99 11.11 12.24
CA TRP A 39 -10.98 10.25 13.39
C TRP A 39 -9.66 10.44 14.10
N TYR A 40 -9.69 10.45 15.41
CA TYR A 40 -8.48 10.42 16.24
C TYR A 40 -8.10 9.00 16.59
N GLU A 41 -6.81 8.73 16.51
CA GLU A 41 -6.26 7.46 16.94
C GLU A 41 -6.05 7.47 18.44
N ILE A 42 -6.98 6.87 19.16
CA ILE A 42 -6.90 6.77 20.63
C ILE A 42 -5.81 5.78 21.05
N ALA A 43 -5.74 4.68 20.33
CA ALA A 43 -4.78 3.61 20.65
C ALA A 43 -4.38 2.85 19.40
N ARG A 44 -3.16 2.35 19.38
CA ARG A 44 -2.70 1.49 18.30
C ARG A 44 -1.76 0.47 18.87
N PHE A 45 -1.63 -0.70 18.23
CA PHE A 45 -0.51 -1.58 18.50
C PHE A 45 0.73 -0.90 17.87
N ASP A 46 1.91 -1.49 18.12
CA ASP A 46 3.16 -0.83 17.79
C ASP A 46 3.51 -1.04 16.31
N HIS A 47 2.64 -0.51 15.45
CA HIS A 47 2.78 -0.67 14.02
C HIS A 47 4.02 0.06 13.52
N ARG A 48 4.88 -0.65 12.77
CA ARG A 48 6.15 -0.07 12.36
C ARG A 48 5.97 1.26 11.62
N PHE A 49 4.92 1.35 10.81
CA PHE A 49 4.68 2.53 9.96
C PHE A 49 4.07 3.74 10.67
N GLU A 50 3.83 3.63 11.98
CA GLU A 50 3.41 4.75 12.82
C GLU A 50 4.36 5.01 13.98
N ARG A 51 5.49 4.32 14.03
CA ARG A 51 6.29 4.34 15.24
C ARG A 51 6.76 5.75 15.55
N GLY A 52 6.64 6.13 16.80
CA GLY A 52 7.05 7.42 17.32
C GLY A 52 5.94 8.46 17.37
N LEU A 53 4.88 8.29 16.57
CA LEU A 53 3.90 9.34 16.35
C LEU A 53 2.89 9.50 17.47
N GLU A 54 2.62 10.76 17.79
CA GLU A 54 1.60 11.19 18.73
C GLU A 54 0.51 11.98 17.98
N LYS A 55 -0.58 12.27 18.66
CA LYS A 55 -1.64 13.15 18.15
C LYS A 55 -2.09 12.74 16.74
N VAL A 56 -2.15 11.43 16.51
CA VAL A 56 -2.46 10.87 15.21
C VAL A 56 -3.96 10.99 14.87
N THR A 57 -4.24 11.40 13.64
CA THR A 57 -5.57 11.34 13.04
C THR A 57 -5.54 10.68 11.67
N ALA A 58 -6.70 10.17 11.27
CA ALA A 58 -6.97 9.70 9.92
C ALA A 58 -8.21 10.43 9.42
N THR A 59 -8.16 10.96 8.20
CA THR A 59 -9.26 11.65 7.58
C THR A 59 -9.63 10.99 6.25
N TYR A 60 -10.89 10.57 6.15
CA TYR A 60 -11.37 9.83 4.99
C TYR A 60 -12.29 10.72 4.16
N SER A 61 -12.14 10.63 2.84
CA SER A 61 -13.04 11.30 1.91
C SER A 61 -13.35 10.40 0.74
N LEU A 62 -14.51 10.64 0.13
CA LEU A 62 -15.02 9.76 -0.91
C LEU A 62 -14.33 10.09 -2.24
N ARG A 63 -13.94 9.04 -2.97
CA ARG A 63 -13.31 9.19 -4.28
C ARG A 63 -14.31 8.87 -5.38
N ASP A 64 -14.08 9.45 -6.57
CA ASP A 64 -14.90 9.19 -7.74
C ASP A 64 -14.91 7.71 -8.09
N ASP A 65 -13.81 6.99 -7.83
CA ASP A 65 -13.72 5.55 -8.17
C ASP A 65 -14.32 4.61 -7.14
N GLY A 66 -14.92 5.16 -6.09
CA GLY A 66 -15.62 4.38 -5.09
C GLY A 66 -14.76 4.00 -3.89
N GLY A 67 -13.48 4.32 -3.92
CA GLY A 67 -12.63 4.13 -2.75
C GLY A 67 -12.69 5.36 -1.87
N LEU A 68 -11.83 5.40 -0.85
CA LEU A 68 -11.65 6.58 -0.02
C LEU A 68 -10.21 7.05 -0.10
N ASN A 69 -10.02 8.37 -0.12
CA ASN A 69 -8.72 8.94 0.22
C ASN A 69 -8.54 8.89 1.73
N VAL A 70 -7.30 8.65 2.14
CA VAL A 70 -6.92 8.63 3.54
C VAL A 70 -5.81 9.67 3.74
N ILE A 71 -6.02 10.64 4.62
CA ILE A 71 -4.95 11.55 4.99
C ILE A 71 -4.59 11.18 6.42
N ASN A 72 -3.34 10.76 6.62
CA ASN A 72 -2.81 10.49 7.95
C ASN A 72 -2.02 11.69 8.45
N LYS A 73 -2.28 12.12 9.67
CA LYS A 73 -1.56 13.26 10.26
C LYS A 73 -1.05 12.83 11.63
N GLY A 74 0.10 13.36 12.04
CA GLY A 74 0.65 13.02 13.33
C GLY A 74 1.79 13.94 13.71
N TYR A 75 2.16 13.92 14.98
CA TYR A 75 3.28 14.73 15.47
C TYR A 75 4.38 13.79 15.92
N ASN A 76 5.58 14.01 15.41
CA ASN A 76 6.79 13.31 15.82
C ASN A 76 7.50 14.08 16.92
N PRO A 77 7.39 13.67 18.19
CA PRO A 77 7.99 14.41 19.30
C PRO A 77 9.52 14.37 19.30
N ASP A 78 10.11 13.38 18.65
CA ASP A 78 11.57 13.29 18.57
C ASP A 78 12.17 14.30 17.59
N ARG A 79 11.35 14.79 16.66
CA ARG A 79 11.72 15.84 15.70
C ARG A 79 11.07 17.18 16.00
N GLY A 80 10.02 17.17 16.82
CA GLY A 80 9.19 18.33 17.06
C GLY A 80 8.47 18.83 15.81
N MET A 81 8.06 17.90 14.95
CA MET A 81 7.40 18.27 13.70
C MET A 81 6.12 17.49 13.43
N TRP A 82 5.12 18.21 12.94
CA TRP A 82 3.93 17.61 12.38
C TRP A 82 4.23 16.98 11.02
N GLN A 83 3.65 15.81 10.76
CA GLN A 83 3.85 15.08 9.51
C GLN A 83 2.50 14.67 8.91
N GLN A 84 2.48 14.42 7.61
CA GLN A 84 1.27 13.97 6.90
C GLN A 84 1.66 12.91 5.87
N SER A 85 0.79 11.93 5.66
CA SER A 85 0.90 11.02 4.51
C SER A 85 -0.47 10.79 3.90
N GLU A 86 -0.50 10.29 2.67
CA GLU A 86 -1.75 10.08 1.97
C GLU A 86 -1.83 8.64 1.46
N GLY A 87 -2.98 8.02 1.66
CA GLY A 87 -3.23 6.66 1.22
C GLY A 87 -4.58 6.53 0.56
N LYS A 88 -4.91 5.33 0.15
CA LYS A 88 -6.19 5.02 -0.47
C LYS A 88 -6.81 3.81 0.22
N ALA A 89 -8.13 3.70 0.17
CA ALA A 89 -8.86 2.56 0.77
C ALA A 89 -9.88 2.06 -0.22
N TYR A 90 -9.99 0.74 -0.38
CA TYR A 90 -11.02 0.15 -1.26
C TYR A 90 -11.74 -0.99 -0.58
N PHE A 91 -13.05 -1.06 -0.75
CA PHE A 91 -13.80 -2.23 -0.32
C PHE A 91 -13.35 -3.44 -1.10
N THR A 92 -13.15 -4.57 -0.42
CA THR A 92 -12.75 -5.78 -1.12
C THR A 92 -13.98 -6.52 -1.62
N GLY A 93 -15.14 -6.18 -1.08
CA GLY A 93 -16.40 -6.80 -1.43
C GLY A 93 -17.53 -5.80 -1.35
N ALA A 94 -18.67 -6.24 -0.81
CA ALA A 94 -19.84 -5.38 -0.65
C ALA A 94 -19.51 -4.18 0.25
N PRO A 95 -19.99 -2.99 -0.11
CA PRO A 95 -19.75 -1.81 0.73
C PRO A 95 -20.52 -1.77 2.06
N THR A 96 -21.43 -2.71 2.27
CA THR A 96 -22.10 -2.87 3.58
C THR A 96 -21.27 -3.72 4.55
N ARG A 97 -20.22 -4.35 4.06
CA ARG A 97 -19.26 -5.06 4.89
C ARG A 97 -18.05 -4.17 5.06
N ALA A 98 -17.73 -3.81 6.30
CA ALA A 98 -16.60 -2.91 6.58
C ALA A 98 -15.24 -3.63 6.54
N ALA A 99 -14.96 -4.23 5.40
CA ALA A 99 -13.71 -4.89 5.12
C ALA A 99 -13.14 -4.28 3.83
N LEU A 100 -11.97 -3.67 4.00
CA LEU A 100 -11.29 -2.89 2.99
C LEU A 100 -9.84 -3.30 2.87
N LYS A 101 -9.17 -2.82 1.82
CA LYS A 101 -7.72 -2.82 1.79
C LYS A 101 -7.24 -1.37 1.75
N VAL A 102 -6.22 -1.07 2.55
CA VAL A 102 -5.79 0.31 2.76
C VAL A 102 -4.28 0.40 2.57
N SER A 103 -3.82 1.42 1.84
CA SER A 103 -2.39 1.60 1.71
C SER A 103 -1.81 2.21 3.00
N PHE A 104 -1.19 1.36 3.81
CA PHE A 104 -0.69 1.76 5.11
C PHE A 104 0.67 2.42 5.03
N PHE A 105 1.44 2.12 3.98
CA PHE A 105 2.74 2.76 3.78
C PHE A 105 3.11 2.65 2.31
N GLY A 106 3.45 3.79 1.71
CA GLY A 106 3.78 3.80 0.29
C GLY A 106 2.69 3.15 -0.53
N PRO A 107 3.07 2.29 -1.48
CA PRO A 107 2.12 1.58 -2.34
C PRO A 107 1.62 0.25 -1.76
N PHE A 108 1.88 0.01 -0.47
CA PHE A 108 1.59 -1.30 0.12
C PHE A 108 0.29 -1.29 0.91
N TYR A 109 -0.65 -2.14 0.48
CA TYR A 109 -2.00 -2.24 1.00
C TYR A 109 -2.16 -3.46 1.89
N GLY A 110 -2.91 -3.29 2.97
CA GLY A 110 -3.25 -4.40 3.83
C GLY A 110 -4.71 -4.34 4.25
N GLY A 111 -5.19 -5.44 4.79
CA GLY A 111 -6.52 -5.50 5.33
C GLY A 111 -6.80 -4.47 6.42
N TYR A 112 -8.02 -3.95 6.38
CA TYR A 112 -8.56 -2.96 7.30
C TYR A 112 -10.00 -3.40 7.57
N ASN A 113 -10.26 -3.82 8.81
CA ASN A 113 -11.50 -4.51 9.17
C ASN A 113 -12.13 -3.85 10.39
N VAL A 114 -13.32 -3.29 10.21
CA VAL A 114 -13.99 -2.62 11.32
C VAL A 114 -14.74 -3.71 12.10
N ILE A 115 -14.25 -4.00 13.30
CA ILE A 115 -14.79 -5.10 14.12
C ILE A 115 -15.65 -4.63 15.31
N ALA A 116 -15.66 -3.34 15.59
CA ALA A 116 -16.71 -2.74 16.42
C ALA A 116 -16.95 -1.29 16.01
N LEU A 117 -18.20 -0.87 16.09
CA LEU A 117 -18.60 0.46 15.60
C LEU A 117 -19.90 0.82 16.31
N ASP A 118 -19.95 1.96 16.98
CA ASP A 118 -21.22 2.39 17.57
C ASP A 118 -22.13 2.90 16.47
N ARG A 119 -23.43 2.86 16.74
CA ARG A 119 -24.40 3.14 15.70
C ARG A 119 -24.42 4.60 15.27
N GLU A 120 -23.81 5.49 16.06
CA GLU A 120 -23.71 6.89 15.68
C GLU A 120 -22.36 7.29 15.05
N TYR A 121 -21.51 6.30 14.79
CA TYR A 121 -20.21 6.48 14.11
C TYR A 121 -19.31 7.46 14.87
N ARG A 122 -19.26 7.29 16.19
CA ARG A 122 -18.43 8.12 17.07
C ARG A 122 -17.11 7.43 17.47
N HIS A 123 -17.13 6.11 17.52
CA HIS A 123 -16.06 5.26 18.04
C HIS A 123 -15.96 3.96 17.21
N ALA A 124 -14.73 3.47 16.97
CA ALA A 124 -14.55 2.27 16.19
C ALA A 124 -13.32 1.49 16.65
N LEU A 125 -13.39 0.17 16.50
CA LEU A 125 -12.28 -0.75 16.71
C LEU A 125 -12.02 -1.36 15.34
N VAL A 126 -10.79 -1.19 14.86
CA VAL A 126 -10.38 -1.61 13.53
C VAL A 126 -9.17 -2.52 13.68
N CYS A 127 -9.20 -3.68 13.05
CA CYS A 127 -8.00 -4.50 12.99
C CYS A 127 -7.44 -4.61 11.57
N GLY A 128 -6.18 -4.95 11.48
CA GLY A 128 -5.52 -5.17 10.20
C GLY A 128 -5.62 -6.63 9.77
N PRO A 129 -4.67 -7.08 8.96
CA PRO A 129 -4.73 -8.43 8.40
C PRO A 129 -4.32 -9.56 9.36
N ASP A 130 -3.78 -9.21 10.51
CA ASP A 130 -3.49 -10.18 11.56
C ASP A 130 -3.51 -9.50 12.92
N ARG A 131 -3.18 -10.25 13.97
CA ARG A 131 -3.35 -9.74 15.33
C ARG A 131 -2.20 -8.90 15.86
N ASP A 132 -1.31 -8.48 14.97
CA ASP A 132 -0.33 -7.44 15.25
C ASP A 132 -0.83 -6.03 14.92
N TYR A 133 -2.05 -5.91 14.37
CA TYR A 133 -2.60 -4.64 13.85
C TYR A 133 -3.98 -4.37 14.41
N LEU A 134 -4.05 -3.33 15.23
CA LEU A 134 -5.28 -2.95 15.91
C LEU A 134 -5.26 -1.48 16.26
N TRP A 135 -6.42 -0.85 16.09
CA TRP A 135 -6.65 0.56 16.36
C TRP A 135 -7.96 0.80 17.09
N ILE A 136 -7.95 1.74 18.03
CA ILE A 136 -9.19 2.37 18.49
C ILE A 136 -9.23 3.78 17.92
N LEU A 137 -10.33 4.07 17.20
CA LEU A 137 -10.57 5.36 16.58
C LEU A 137 -11.77 6.07 17.23
N SER A 138 -11.70 7.40 17.27
CA SER A 138 -12.78 8.21 17.87
C SER A 138 -12.95 9.56 17.15
N ARG A 139 -14.19 10.06 17.11
CA ARG A 139 -14.45 11.39 16.59
C ARG A 139 -13.91 12.52 17.48
N THR A 140 -13.64 12.18 18.74
CA THR A 140 -13.07 13.13 19.72
C THR A 140 -11.68 12.64 20.13
N PRO A 141 -10.82 13.57 20.52
CA PRO A 141 -9.46 13.22 20.98
C PRO A 141 -9.37 12.36 22.26
N THR A 142 -10.38 12.42 23.13
CA THR A 142 -10.45 11.48 24.25
C THR A 142 -11.73 10.69 24.18
N ILE A 143 -11.72 9.52 24.80
CA ILE A 143 -12.92 8.75 25.03
C ILE A 143 -13.13 8.51 26.53
N SER A 144 -14.39 8.27 26.88
CA SER A 144 -14.78 7.89 28.23
C SER A 144 -14.22 6.51 28.60
N ASP A 145 -14.00 6.28 29.90
CA ASP A 145 -13.58 4.96 30.38
C ASP A 145 -14.54 3.87 29.99
N GLU A 146 -15.81 4.23 29.88
CA GLU A 146 -16.84 3.27 29.55
C GLU A 146 -16.71 2.76 28.09
N VAL A 147 -16.45 3.70 27.20
CA VAL A 147 -16.24 3.36 25.81
C VAL A 147 -14.93 2.58 25.67
N LYS A 148 -13.90 3.00 26.37
CA LYS A 148 -12.66 2.23 26.39
C LYS A 148 -12.88 0.78 26.80
N GLN A 149 -13.62 0.55 27.89
CA GLN A 149 -13.87 -0.83 28.36
C GLN A 149 -14.58 -1.65 27.30
N GLU A 150 -15.54 -1.04 26.59
CA GLU A 150 -16.36 -1.77 25.65
C GLU A 150 -15.56 -2.19 24.41
N MET A 151 -14.73 -1.28 23.92
CA MET A 151 -13.83 -1.57 22.79
C MET A 151 -12.80 -2.63 23.17
N LEU A 152 -12.23 -2.51 24.36
CA LEU A 152 -11.26 -3.49 24.83
C LEU A 152 -11.87 -4.86 24.94
N ALA A 153 -13.10 -4.92 25.41
CA ALA A 153 -13.80 -6.18 25.57
C ALA A 153 -13.97 -6.87 24.21
N VAL A 154 -14.32 -6.12 23.17
CA VAL A 154 -14.44 -6.72 21.86
C VAL A 154 -13.10 -7.23 21.33
N ALA A 155 -12.05 -6.46 21.51
CA ALA A 155 -10.73 -6.83 21.06
C ALA A 155 -10.33 -8.16 21.72
N THR A 156 -10.58 -8.26 23.01
CA THR A 156 -10.21 -9.46 23.76
C THR A 156 -11.02 -10.65 23.27
N ARG A 157 -12.31 -10.43 23.03
CA ARG A 157 -13.18 -11.46 22.51
C ARG A 157 -12.68 -12.00 21.17
N GLU A 158 -12.21 -11.08 20.33
CA GLU A 158 -11.71 -11.44 19.00
C GLU A 158 -10.26 -11.89 18.98
N GLY A 159 -9.68 -12.15 20.15
CA GLY A 159 -8.38 -12.80 20.23
C GLY A 159 -7.17 -11.93 20.28
N PHE A 160 -7.34 -10.62 20.39
CA PHE A 160 -6.22 -9.71 20.46
C PHE A 160 -5.77 -9.55 21.92
N ASP A 161 -4.50 -9.24 22.09
CA ASP A 161 -3.90 -8.93 23.39
C ASP A 161 -3.88 -7.43 23.57
N VAL A 162 -4.89 -6.91 24.26
CA VAL A 162 -5.02 -5.46 24.45
C VAL A 162 -3.91 -4.78 25.24
N SER A 163 -3.06 -5.55 25.93
CA SER A 163 -1.92 -4.96 26.60
C SER A 163 -0.81 -4.53 25.62
N LYS A 164 -0.97 -4.86 24.34
CA LYS A 164 -0.07 -4.36 23.28
C LYS A 164 -0.38 -2.90 22.88
N PHE A 165 -1.54 -2.37 23.27
CA PHE A 165 -1.90 -1.00 22.91
C PHE A 165 -0.94 0.06 23.45
N ILE A 166 -0.57 0.96 22.54
CA ILE A 166 0.00 2.24 22.89
C ILE A 166 -1.19 3.19 22.97
N TRP A 167 -1.29 3.90 24.08
CA TRP A 167 -2.33 4.89 24.30
C TRP A 167 -1.77 6.21 23.83
N VAL A 168 -2.27 6.66 22.69
CA VAL A 168 -1.66 7.72 21.92
C VAL A 168 -1.96 9.07 22.54
N GLN A 169 -0.92 9.88 22.72
CA GLN A 169 -1.10 11.23 23.24
C GLN A 169 -1.99 12.07 22.32
N GLN A 170 -3.04 12.64 22.90
CA GLN A 170 -3.97 13.50 22.18
C GLN A 170 -4.24 14.74 23.04
N PRO A 171 -4.84 15.79 22.45
CA PRO A 171 -5.20 16.95 23.23
C PRO A 171 -6.20 16.52 24.27
N GLY A 172 -5.91 16.91 25.50
CA GLY A 172 -6.76 16.62 26.67
C GLY A 172 -6.52 15.19 27.24
N SER A 173 -5.67 14.40 26.57
CA SER A 173 -5.36 13.01 27.04
C SER A 173 -4.54 13.04 28.33
N HIS B 6 10.32 -3.00 -31.27
CA HIS B 6 8.86 -2.96 -31.09
C HIS B 6 8.58 -3.49 -29.67
N LEU B 7 7.39 -3.19 -29.21
CA LEU B 7 6.99 -3.45 -27.86
C LEU B 7 6.04 -4.62 -27.85
N GLU B 8 6.00 -5.31 -26.71
CA GLU B 8 5.08 -6.41 -26.50
C GLU B 8 3.62 -5.96 -26.51
N SER B 9 2.72 -6.86 -26.90
CA SER B 9 1.28 -6.61 -26.84
C SER B 9 0.81 -6.49 -25.41
N THR B 10 -0.23 -5.68 -25.19
CA THR B 10 -0.85 -5.55 -23.88
C THR B 10 -2.38 -5.69 -23.94
N SER B 11 -3.00 -5.82 -22.77
CA SER B 11 -4.44 -5.70 -22.66
C SER B 11 -4.77 -4.98 -21.37
N LEU B 12 -5.89 -4.26 -21.37
CA LEU B 12 -6.32 -3.52 -20.18
C LEU B 12 -6.51 -4.45 -19.00
N TYR B 13 -5.98 -4.04 -17.85
CA TYR B 13 -6.14 -4.73 -16.59
C TYR B 13 -6.51 -3.68 -15.56
N LYS B 14 -7.59 -3.92 -14.83
CA LYS B 14 -8.08 -2.97 -13.81
C LYS B 14 -8.45 -3.73 -12.55
N LYS B 15 -7.83 -3.38 -11.42
CA LYS B 15 -8.19 -3.92 -10.12
C LYS B 15 -7.72 -2.96 -9.05
N ALA B 16 -8.67 -2.40 -8.31
CA ALA B 16 -8.33 -1.42 -7.27
C ALA B 16 -7.41 -2.04 -6.24
N GLY B 17 -6.36 -1.29 -5.90
CA GLY B 17 -5.31 -1.73 -4.97
C GLY B 17 -4.10 -2.36 -5.64
N SER B 18 -4.26 -2.66 -6.92
CA SER B 18 -3.21 -3.31 -7.68
C SER B 18 -2.85 -2.47 -8.91
N THR B 19 -3.85 -1.98 -9.65
CA THR B 19 -3.59 -1.07 -10.76
C THR B 19 -4.08 0.33 -10.42
N PRO B 20 -3.55 1.33 -11.12
CA PRO B 20 -4.12 2.67 -10.99
C PRO B 20 -5.59 2.74 -11.38
N PRO B 21 -6.27 3.80 -10.96
CA PRO B 21 -7.65 4.04 -11.36
C PRO B 21 -7.83 3.94 -12.89
N ARG B 22 -8.93 3.32 -13.31
CA ARG B 22 -9.28 3.09 -14.71
C ARG B 22 -8.53 1.93 -15.36
N GLY B 23 -7.57 1.33 -14.65
CA GLY B 23 -6.72 0.31 -15.22
C GLY B 23 -5.60 0.87 -16.09
N VAL B 24 -4.67 -0.02 -16.40
CA VAL B 24 -3.56 0.27 -17.32
C VAL B 24 -3.40 -0.90 -18.30
N THR B 25 -2.75 -0.64 -19.42
CA THR B 25 -2.41 -1.68 -20.40
C THR B 25 -1.26 -2.49 -19.83
N VAL B 26 -1.49 -3.77 -19.58
CA VAL B 26 -0.46 -4.69 -19.09
C VAL B 26 -0.06 -5.75 -20.12
N VAL B 27 1.25 -5.96 -20.25
CA VAL B 27 1.79 -7.01 -21.11
C VAL B 27 1.04 -8.32 -20.92
N ASN B 28 0.61 -8.93 -22.03
CA ASN B 28 -0.24 -10.09 -22.01
C ASN B 28 0.34 -11.37 -22.67
N ASN B 29 1.60 -11.31 -23.07
CA ASN B 29 2.33 -12.50 -23.51
C ASN B 29 3.69 -12.53 -22.82
N PHE B 30 3.66 -12.24 -21.51
CA PHE B 30 4.85 -12.23 -20.64
C PHE B 30 5.49 -13.60 -20.54
N ASP B 31 6.81 -13.60 -20.58
CA ASP B 31 7.60 -14.81 -20.39
C ASP B 31 8.61 -14.46 -19.30
N ALA B 32 8.25 -14.81 -18.06
CA ALA B 32 9.02 -14.39 -16.89
C ALA B 32 10.50 -14.75 -16.94
N LYS B 33 10.84 -15.89 -17.53
CA LYS B 33 12.26 -16.27 -17.61
C LYS B 33 13.12 -15.19 -18.31
N ARG B 34 12.55 -14.46 -19.25
CA ARG B 34 13.32 -13.46 -19.99
C ARG B 34 13.43 -12.15 -19.21
N TYR B 35 12.63 -12.03 -18.15
CA TYR B 35 12.63 -10.84 -17.27
C TYR B 35 13.59 -10.99 -16.09
N LEU B 36 14.15 -12.19 -15.91
CA LEU B 36 15.06 -12.45 -14.80
C LEU B 36 16.40 -11.72 -14.91
N GLY B 37 17.04 -11.54 -13.77
CA GLY B 37 18.36 -10.94 -13.70
C GLY B 37 18.32 -9.48 -13.29
N THR B 38 19.29 -8.72 -13.79
CA THR B 38 19.57 -7.36 -13.35
C THR B 38 19.01 -6.31 -14.30
N TRP B 39 18.33 -5.33 -13.72
CA TRP B 39 17.90 -4.13 -14.42
C TRP B 39 18.38 -2.89 -13.67
N TYR B 40 18.80 -1.89 -14.43
CA TYR B 40 19.07 -0.56 -13.89
C TYR B 40 17.79 0.26 -13.85
N GLU B 41 17.56 0.96 -12.73
CA GLU B 41 16.52 1.95 -12.67
C GLU B 41 16.98 3.26 -13.32
N ILE B 42 16.48 3.50 -14.53
CA ILE B 42 16.81 4.72 -15.27
C ILE B 42 16.09 5.93 -14.69
N ALA B 43 14.83 5.73 -14.33
CA ALA B 43 13.99 6.79 -13.78
C ALA B 43 12.95 6.22 -12.81
N ARG B 44 12.64 6.99 -11.78
CA ARG B 44 11.52 6.68 -10.91
C ARG B 44 10.74 7.96 -10.58
N PHE B 45 9.45 7.81 -10.33
CA PHE B 45 8.74 8.85 -9.58
C PHE B 45 9.22 8.67 -8.15
N ASP B 46 9.56 9.77 -7.50
CA ASP B 46 10.24 9.61 -6.23
C ASP B 46 9.21 9.31 -5.12
N HIS B 47 9.59 8.43 -4.21
CA HIS B 47 8.74 8.08 -3.06
C HIS B 47 9.65 7.76 -1.89
N ARG B 48 9.02 7.64 -0.72
CA ARG B 48 9.67 7.33 0.55
C ARG B 48 10.77 6.27 0.47
N PHE B 49 10.46 5.14 -0.14
CA PHE B 49 11.33 3.98 -0.02
C PHE B 49 12.45 3.90 -1.05
N GLU B 50 12.63 4.96 -1.83
CA GLU B 50 13.83 5.11 -2.64
C GLU B 50 14.47 6.49 -2.58
N ARG B 51 13.93 7.39 -1.79
CA ARG B 51 14.38 8.78 -1.81
C ARG B 51 15.89 8.88 -1.53
N GLY B 52 16.59 9.65 -2.35
CA GLY B 52 18.04 9.85 -2.23
C GLY B 52 18.92 8.75 -2.80
N LEU B 53 18.34 7.63 -3.20
CA LEU B 53 19.12 6.50 -3.71
C LEU B 53 19.67 6.74 -5.09
N GLU B 54 20.93 6.37 -5.27
CA GLU B 54 21.65 6.47 -6.52
C GLU B 54 22.01 5.08 -7.01
N LYS B 55 22.26 4.96 -8.31
CA LYS B 55 22.81 3.71 -8.89
C LYS B 55 21.92 2.49 -8.56
N VAL B 56 20.61 2.69 -8.66
CA VAL B 56 19.65 1.69 -8.22
C VAL B 56 19.55 0.58 -9.27
N THR B 57 19.58 -0.66 -8.81
CA THR B 57 19.25 -1.83 -9.62
C THR B 57 18.07 -2.62 -9.02
N ALA B 58 17.33 -3.25 -9.90
CA ALA B 58 16.28 -4.18 -9.53
C ALA B 58 16.71 -5.55 -10.09
N THR B 59 16.65 -6.56 -9.23
CA THR B 59 17.11 -7.92 -9.57
C THR B 59 16.01 -8.92 -9.27
N TYR B 60 15.64 -9.73 -10.25
CA TYR B 60 14.54 -10.66 -10.13
C TYR B 60 15.08 -12.07 -10.31
N SER B 61 14.60 -12.98 -9.48
CA SER B 61 15.01 -14.37 -9.58
C SER B 61 13.81 -15.26 -9.27
N LEU B 62 13.81 -16.45 -9.85
CA LEU B 62 12.68 -17.38 -9.71
C LEU B 62 12.68 -18.03 -8.34
N ARG B 63 11.49 -18.13 -7.73
CA ARG B 63 11.33 -18.83 -6.47
C ARG B 63 10.82 -20.22 -6.77
N ASP B 64 11.10 -21.15 -5.88
CA ASP B 64 10.54 -22.50 -5.98
C ASP B 64 9.01 -22.49 -5.95
N ASP B 65 8.42 -21.53 -5.24
CA ASP B 65 6.96 -21.45 -5.12
C ASP B 65 6.23 -20.76 -6.30
N GLY B 66 6.96 -20.44 -7.37
CA GLY B 66 6.39 -19.85 -8.55
C GLY B 66 6.35 -18.32 -8.54
N GLY B 67 6.80 -17.73 -7.42
CA GLY B 67 6.94 -16.28 -7.30
C GLY B 67 8.30 -15.82 -7.79
N LEU B 68 8.55 -14.53 -7.62
CA LEU B 68 9.84 -13.94 -7.92
C LEU B 68 10.38 -13.30 -6.66
N ASN B 69 11.65 -13.52 -6.40
CA ASN B 69 12.39 -12.63 -5.52
C ASN B 69 12.67 -11.31 -6.21
N VAL B 70 12.43 -10.22 -5.49
CA VAL B 70 12.67 -8.88 -5.97
C VAL B 70 13.68 -8.22 -5.05
N ILE B 71 14.81 -7.78 -5.59
CA ILE B 71 15.77 -7.06 -4.78
C ILE B 71 15.87 -5.67 -5.36
N ASN B 72 15.83 -4.68 -4.49
CA ASN B 72 16.00 -3.32 -4.92
C ASN B 72 17.18 -2.75 -4.14
N LYS B 73 18.26 -2.48 -4.86
CA LYS B 73 19.55 -2.09 -4.30
C LYS B 73 19.94 -0.72 -4.79
N GLY B 74 20.57 0.06 -3.92
CA GLY B 74 20.95 1.41 -4.27
C GLY B 74 22.02 1.92 -3.31
N TYR B 75 22.72 2.97 -3.73
CA TYR B 75 23.69 3.64 -2.90
C TYR B 75 23.00 4.83 -2.24
N ASN B 76 23.14 4.91 -0.91
CA ASN B 76 22.56 5.96 -0.08
C ASN B 76 23.68 6.90 0.41
N PRO B 77 23.86 8.05 -0.26
CA PRO B 77 24.94 8.98 0.10
C PRO B 77 24.82 9.50 1.53
N ASP B 78 23.60 9.71 2.01
CA ASP B 78 23.42 10.17 3.38
C ASP B 78 23.96 9.18 4.40
N ARG B 79 23.87 7.89 4.11
CA ARG B 79 24.41 6.86 4.97
C ARG B 79 25.86 6.52 4.62
N GLY B 80 26.28 6.86 3.40
CA GLY B 80 27.57 6.49 2.87
C GLY B 80 27.69 4.99 2.66
N MET B 81 26.56 4.34 2.38
CA MET B 81 26.51 2.89 2.26
C MET B 81 25.57 2.41 1.16
N TRP B 82 25.87 1.24 0.60
CA TRP B 82 24.90 0.52 -0.23
C TRP B 82 23.88 -0.12 0.70
N GLN B 83 22.65 -0.22 0.23
CA GLN B 83 21.59 -0.91 0.93
C GLN B 83 20.73 -1.65 -0.06
N GLN B 84 19.98 -2.64 0.42
CA GLN B 84 19.00 -3.32 -0.41
C GLN B 84 17.80 -3.81 0.41
N SER B 85 16.64 -3.77 -0.23
CA SER B 85 15.42 -4.33 0.32
C SER B 85 15.07 -5.55 -0.51
N GLU B 86 14.63 -6.61 0.16
CA GLU B 86 14.30 -7.87 -0.50
C GLU B 86 12.82 -8.18 -0.29
N GLY B 87 12.17 -8.55 -1.37
CA GLY B 87 10.74 -8.75 -1.40
C GLY B 87 10.36 -9.98 -2.20
N LYS B 88 9.06 -10.26 -2.22
CA LYS B 88 8.54 -11.42 -2.93
C LYS B 88 7.37 -10.96 -3.79
N ALA B 89 7.34 -11.39 -5.04
CA ALA B 89 6.26 -11.00 -5.98
C ALA B 89 5.54 -12.23 -6.53
N TYR B 90 4.20 -12.18 -6.59
CA TYR B 90 3.38 -13.27 -7.15
C TYR B 90 2.46 -12.75 -8.24
N PHE B 91 2.29 -13.52 -9.31
CA PHE B 91 1.32 -13.19 -10.35
C PHE B 91 -0.09 -13.17 -9.75
N THR B 92 -0.86 -12.15 -10.10
CA THR B 92 -2.22 -12.07 -9.60
C THR B 92 -3.17 -12.86 -10.46
N GLY B 93 -2.75 -13.19 -11.67
CA GLY B 93 -3.53 -13.99 -12.60
C GLY B 93 -2.63 -14.96 -13.34
N ALA B 94 -2.81 -15.04 -14.65
CA ALA B 94 -1.97 -15.89 -15.51
C ALA B 94 -0.53 -15.41 -15.49
N PRO B 95 0.43 -16.32 -15.60
CA PRO B 95 1.83 -15.93 -15.68
C PRO B 95 2.21 -15.20 -16.97
N THR B 96 1.33 -15.20 -17.98
CA THR B 96 1.56 -14.44 -19.19
C THR B 96 1.05 -12.99 -19.05
N ARG B 97 0.35 -12.67 -17.97
CA ARG B 97 -0.05 -11.29 -17.68
C ARG B 97 0.94 -10.70 -16.69
N ALA B 98 1.66 -9.64 -17.09
CA ALA B 98 2.73 -9.08 -16.28
C ALA B 98 2.20 -8.16 -15.19
N ALA B 99 1.31 -8.70 -14.38
CA ALA B 99 0.79 -8.02 -13.21
C ALA B 99 1.00 -8.91 -12.01
N LEU B 100 1.67 -8.37 -11.00
CA LEU B 100 2.06 -9.09 -9.81
C LEU B 100 1.72 -8.27 -8.57
N LYS B 101 1.74 -8.93 -7.42
CA LYS B 101 1.63 -8.26 -6.16
C LYS B 101 2.93 -8.52 -5.43
N VAL B 102 3.45 -7.48 -4.79
CA VAL B 102 4.76 -7.50 -4.20
C VAL B 102 4.71 -7.06 -2.74
N SER B 103 5.37 -7.81 -1.87
CA SER B 103 5.53 -7.43 -0.48
C SER B 103 7.02 -7.41 -0.08
N PHE B 104 7.41 -6.36 0.65
CA PHE B 104 8.73 -6.25 1.28
C PHE B 104 8.67 -6.29 2.83
N PHE B 105 7.47 -6.41 3.38
CA PHE B 105 7.28 -6.37 4.83
C PHE B 105 5.90 -6.91 5.09
N GLY B 106 5.85 -8.11 5.64
CA GLY B 106 4.61 -8.71 6.10
C GLY B 106 3.48 -8.84 5.10
N PRO B 107 2.25 -8.81 5.61
CA PRO B 107 1.04 -9.03 4.81
C PRO B 107 0.53 -7.74 4.14
N PHE B 108 1.46 -6.98 3.56
CA PHE B 108 1.15 -5.73 2.91
C PHE B 108 1.69 -5.77 1.49
N TYR B 109 0.81 -5.73 0.51
CA TYR B 109 1.24 -5.91 -0.89
C TYR B 109 0.87 -4.73 -1.76
N GLY B 110 1.71 -4.46 -2.76
CA GLY B 110 1.44 -3.43 -3.73
C GLY B 110 1.47 -4.00 -5.14
N GLY B 111 0.72 -3.36 -6.04
CA GLY B 111 0.70 -3.81 -7.42
C GLY B 111 1.93 -3.41 -8.21
N TYR B 112 2.39 -4.35 -9.04
CA TYR B 112 3.53 -4.20 -9.93
C TYR B 112 3.02 -4.58 -11.32
N ASN B 113 3.01 -3.61 -12.23
CA ASN B 113 2.38 -3.78 -13.54
C ASN B 113 3.34 -3.38 -14.65
N VAL B 114 3.69 -4.31 -15.52
CA VAL B 114 4.55 -3.99 -16.66
C VAL B 114 3.66 -3.50 -17.80
N ILE B 115 3.75 -2.19 -18.04
CA ILE B 115 2.85 -1.53 -18.97
C ILE B 115 3.52 -1.22 -20.31
N ALA B 116 4.85 -1.34 -20.38
CA ALA B 116 5.56 -1.42 -21.66
C ALA B 116 6.78 -2.33 -21.52
N LEU B 117 7.04 -3.11 -22.57
CA LEU B 117 8.18 -4.03 -22.53
C LEU B 117 8.65 -4.25 -23.96
N ASP B 118 9.92 -4.07 -24.26
CA ASP B 118 10.38 -4.36 -25.61
C ASP B 118 10.51 -5.88 -25.76
N ARG B 119 10.41 -6.34 -27.00
CA ARG B 119 10.29 -7.77 -27.26
C ARG B 119 11.57 -8.55 -26.97
N GLU B 120 12.69 -7.85 -26.87
CA GLU B 120 13.97 -8.45 -26.47
C GLU B 120 14.32 -8.28 -24.97
N TYR B 121 13.35 -7.78 -24.19
CA TYR B 121 13.47 -7.67 -22.75
C TYR B 121 14.67 -6.83 -22.34
N ARG B 122 14.89 -5.72 -23.07
CA ARG B 122 15.98 -4.78 -22.79
C ARG B 122 15.57 -3.54 -22.00
N HIS B 123 14.31 -3.15 -22.11
CA HIS B 123 13.77 -1.98 -21.41
C HIS B 123 12.31 -2.25 -21.02
N ALA B 124 11.86 -1.64 -19.92
CA ALA B 124 10.51 -1.83 -19.45
C ALA B 124 10.00 -0.57 -18.74
N LEU B 125 8.69 -0.35 -18.84
CA LEU B 125 7.99 0.67 -18.06
C LEU B 125 7.06 -0.05 -17.11
N VAL B 126 7.23 0.22 -15.82
CA VAL B 126 6.53 -0.48 -14.78
C VAL B 126 5.80 0.56 -13.90
N CYS B 127 4.51 0.36 -13.65
CA CYS B 127 3.79 1.17 -12.68
C CYS B 127 3.37 0.38 -11.45
N GLY B 128 3.13 1.12 -10.38
CA GLY B 128 2.53 0.60 -9.18
C GLY B 128 1.03 0.71 -9.17
N PRO B 129 0.44 0.75 -7.97
CA PRO B 129 -1.03 0.75 -7.80
C PRO B 129 -1.74 2.09 -7.99
N ASP B 130 -0.97 3.14 -8.26
CA ASP B 130 -1.53 4.41 -8.69
C ASP B 130 -0.51 5.21 -9.49
N ARG B 131 -0.88 6.41 -9.90
CA ARG B 131 -0.04 7.19 -10.78
C ARG B 131 1.06 8.01 -10.09
N ASP B 132 1.31 7.72 -8.82
CA ASP B 132 2.49 8.21 -8.12
C ASP B 132 3.64 7.22 -8.21
N TYR B 133 3.41 6.06 -8.83
CA TYR B 133 4.43 5.03 -8.91
C TYR B 133 4.72 4.56 -10.34
N LEU B 134 5.91 4.88 -10.81
CA LEU B 134 6.32 4.61 -12.18
C LEU B 134 7.84 4.48 -12.26
N TRP B 135 8.33 3.50 -13.02
CA TRP B 135 9.75 3.26 -13.18
C TRP B 135 10.07 2.98 -14.65
N ILE B 136 11.21 3.45 -15.12
CA ILE B 136 11.79 2.96 -16.38
C ILE B 136 13.00 2.13 -15.99
N LEU B 137 13.00 0.86 -16.42
CA LEU B 137 14.03 -0.10 -16.13
C LEU B 137 14.76 -0.44 -17.43
N SER B 138 16.04 -0.75 -17.31
CA SER B 138 16.86 -1.06 -18.50
C SER B 138 17.95 -2.05 -18.21
N ARG B 139 18.27 -2.91 -19.16
CA ARG B 139 19.41 -3.81 -19.03
C ARG B 139 20.74 -3.10 -19.03
N THR B 140 20.74 -1.89 -19.56
CA THR B 140 21.95 -1.07 -19.60
C THR B 140 21.77 0.17 -18.72
N PRO B 141 22.84 0.71 -18.17
CA PRO B 141 22.72 1.84 -17.24
C PRO B 141 22.31 3.15 -17.89
N THR B 142 22.42 3.25 -19.21
CA THR B 142 21.80 4.32 -19.97
C THR B 142 20.90 3.77 -21.06
N ILE B 143 19.98 4.62 -21.53
CA ILE B 143 19.15 4.30 -22.68
C ILE B 143 19.24 5.41 -23.73
N SER B 144 18.95 5.04 -24.99
CA SER B 144 18.93 6.00 -26.08
C SER B 144 17.77 6.97 -25.95
N ASP B 145 17.92 8.15 -26.58
CA ASP B 145 16.83 9.13 -26.65
C ASP B 145 15.57 8.52 -27.23
N GLU B 146 15.72 7.71 -28.27
CA GLU B 146 14.59 7.08 -28.95
C GLU B 146 13.80 6.15 -28.01
N VAL B 147 14.53 5.33 -27.28
CA VAL B 147 13.92 4.42 -26.32
C VAL B 147 13.29 5.25 -25.19
N LYS B 148 14.00 6.26 -24.71
CA LYS B 148 13.48 7.16 -23.68
C LYS B 148 12.17 7.80 -24.14
N GLN B 149 12.13 8.31 -25.37
CA GLN B 149 10.90 8.94 -25.86
C GLN B 149 9.73 7.98 -25.98
N GLU B 150 9.99 6.73 -26.35
CA GLU B 150 8.92 5.76 -26.54
C GLU B 150 8.29 5.41 -25.18
N MET B 151 9.13 5.27 -24.16
CA MET B 151 8.66 4.97 -22.82
C MET B 151 7.85 6.13 -22.29
N LEU B 152 8.35 7.36 -22.50
CA LEU B 152 7.64 8.54 -22.01
C LEU B 152 6.27 8.64 -22.67
N ALA B 153 6.18 8.26 -23.94
CA ALA B 153 4.91 8.31 -24.67
C ALA B 153 3.88 7.33 -24.14
N VAL B 154 4.32 6.12 -23.78
CA VAL B 154 3.41 5.16 -23.20
C VAL B 154 2.91 5.66 -21.84
N ALA B 155 3.82 6.17 -21.02
CA ALA B 155 3.49 6.73 -19.71
C ALA B 155 2.37 7.77 -19.82
N THR B 156 2.57 8.70 -20.74
CA THR B 156 1.59 9.77 -20.98
C THR B 156 0.28 9.19 -21.48
N ARG B 157 0.36 8.24 -22.41
CA ARG B 157 -0.81 7.54 -22.92
C ARG B 157 -1.64 6.93 -21.79
N GLU B 158 -0.95 6.36 -20.79
CA GLU B 158 -1.60 5.71 -19.66
C GLU B 158 -1.89 6.65 -18.49
N GLY B 159 -1.81 7.96 -18.74
CA GLY B 159 -2.29 8.95 -17.78
C GLY B 159 -1.30 9.47 -16.77
N PHE B 160 -0.05 9.04 -16.86
CA PHE B 160 0.97 9.46 -15.92
C PHE B 160 1.54 10.82 -16.32
N ASP B 161 2.08 11.53 -15.34
CA ASP B 161 2.70 12.85 -15.55
C ASP B 161 4.20 12.69 -15.49
N VAL B 162 4.83 12.66 -16.69
CA VAL B 162 6.24 12.31 -16.80
C VAL B 162 7.17 13.39 -16.22
N SER B 163 6.66 14.60 -15.95
CA SER B 163 7.47 15.61 -15.26
C SER B 163 7.87 15.20 -13.84
N LYS B 164 7.19 14.18 -13.30
CA LYS B 164 7.52 13.63 -11.98
C LYS B 164 8.75 12.71 -11.94
N PHE B 165 9.27 12.34 -13.10
CA PHE B 165 10.44 11.47 -13.14
C PHE B 165 11.67 12.12 -12.55
N ILE B 166 12.33 11.34 -11.70
CA ILE B 166 13.69 11.62 -11.28
C ILE B 166 14.57 10.72 -12.14
N TRP B 167 15.61 11.29 -12.73
CA TRP B 167 16.52 10.57 -13.61
C TRP B 167 17.71 10.16 -12.76
N VAL B 168 17.76 8.87 -12.52
CA VAL B 168 18.61 8.30 -11.47
C VAL B 168 20.08 8.28 -11.89
N GLN B 169 20.94 8.59 -10.94
CA GLN B 169 22.39 8.55 -11.15
C GLN B 169 22.81 7.13 -11.48
N GLN B 170 23.41 6.94 -12.64
CA GLN B 170 23.95 5.65 -13.09
C GLN B 170 25.32 5.86 -13.74
N PRO B 171 26.16 4.82 -13.77
CA PRO B 171 27.40 4.87 -14.54
C PRO B 171 27.15 4.94 -16.04
#